data_3BDL
#
_entry.id   3BDL
#
_cell.length_a   97.405
_cell.length_b   91.929
_cell.length_c   88.042
_cell.angle_alpha   90.00
_cell.angle_beta   91.26
_cell.angle_gamma   90.00
#
_symmetry.space_group_name_H-M   'C 1 2 1'
#
loop_
_entity.id
_entity.type
_entity.pdbx_description
1 polymer 'Staphylococcal nuclease domain-containing protein 1'
2 non-polymer 'CITRIC ACID'
3 water water
#
_entity_poly.entity_id   1
_entity_poly.type   'polypeptide(L)'
_entity_poly.pdbx_seq_one_letter_code
;MGSSHHHHHHSSGLVPRGSHMDKQFVAKVMQVLNADAIVVKLNSGDYKTIHLSSIRPPRLEGENTQDKNKKLRPLYDIPY
MFEAREFLRKKLIGKKVNVTVDYIRPASPATETVPAFSERTCATVTIGGINIAEALVSKGLATVIRYRQDDDQRSSHYDE
LLAAEARAIKNGKGLHSKKEVPIHRVADISGDTQKAKQFLPFLQRAGRSEAVVEYVFSGSRLKLYLPKETCLITFLLAGI
ECPRGARNLPGLVQEGEPFSEEATLFTKELVLQREVEVEVESMDKAGNFIGWLHIDGANLSVLLVEHALSKVHFTAERSS
YYKSLLSAEEAAKQKKEKVWAHYEEQPVEEVMPVLEEKERSASYKPVFVTEITDDLHFYVQDVETGTQLEKLMENMRNDI
ASHPPVEGSYAPRRGEFCIAKFVDGEWYRARVEKVESPAKIHVFYIDYGNREVLPSTRLGTLSPAFSTRVLPAQATEYAF
AFIQVPQDDDARTDAVDSVVRDIQNTQCLLNVEHLSAGCPHVTLQFADSKGDVGLGLVKEGLVMVEVRKEKQFQKVITEY
LNAQESAKSA
;
_entity_poly.pdbx_strand_id   A
#
loop_
_chem_comp.id
_chem_comp.type
_chem_comp.name
_chem_comp.formula
CIT non-polymer 'CITRIC ACID' 'C6 H8 O7'
#
# COMPACT_ATOMS: atom_id res chain seq x y z
N MET A 21 4.23 -24.95 16.54
CA MET A 21 2.92 -25.36 15.96
C MET A 21 2.58 -26.79 16.38
N ASP A 22 1.31 -27.03 16.69
CA ASP A 22 0.86 -28.35 17.10
C ASP A 22 0.70 -29.26 15.89
N LYS A 23 0.70 -30.56 16.14
CA LYS A 23 0.56 -31.55 15.07
C LYS A 23 -0.86 -31.55 14.51
N GLN A 24 -1.83 -31.29 15.37
CA GLN A 24 -3.23 -31.27 14.95
C GLN A 24 -3.92 -30.00 15.38
N PHE A 25 -4.79 -29.49 14.52
CA PHE A 25 -5.56 -28.29 14.82
C PHE A 25 -6.66 -28.06 13.79
N VAL A 26 -7.61 -27.21 14.16
CA VAL A 26 -8.69 -26.83 13.27
C VAL A 26 -8.37 -25.38 12.96
N ALA A 27 -8.47 -24.99 11.69
CA ALA A 27 -8.14 -23.62 11.30
C ALA A 27 -8.99 -23.16 10.13
N LYS A 28 -9.12 -21.84 9.97
CA LYS A 28 -9.94 -21.27 8.91
C LYS A 28 -9.12 -20.97 7.66
N VAL A 29 -9.61 -21.42 6.49
CA VAL A 29 -8.91 -21.20 5.24
C VAL A 29 -9.04 -19.75 4.81
N MET A 30 -7.91 -19.07 4.68
CA MET A 30 -7.86 -17.66 4.31
C MET A 30 -7.49 -17.42 2.83
N GLN A 31 -6.83 -18.39 2.22
CA GLN A 31 -6.41 -18.27 0.82
C GLN A 31 -5.98 -19.62 0.28
N VAL A 32 -6.29 -19.88 -1.00
CA VAL A 32 -5.85 -21.12 -1.63
C VAL A 32 -4.64 -20.69 -2.45
N LEU A 33 -3.50 -21.26 -2.10
CA LEU A 33 -2.25 -20.96 -2.78
C LEU A 33 -2.05 -21.95 -3.92
N ASN A 34 -2.66 -21.65 -5.05
CA ASN A 34 -2.57 -22.51 -6.22
C ASN A 34 -3.25 -23.86 -6.04
N ALA A 35 -2.52 -24.96 -6.24
CA ALA A 35 -3.15 -26.28 -6.15
C ALA A 35 -2.70 -27.24 -5.05
N ASP A 36 -1.62 -26.93 -4.35
CA ASP A 36 -1.12 -27.84 -3.32
C ASP A 36 -0.96 -27.20 -1.95
N ALA A 37 -1.36 -25.94 -1.82
CA ALA A 37 -1.22 -25.27 -0.53
C ALA A 37 -2.33 -24.29 -0.22
N ILE A 38 -2.56 -24.09 1.08
CA ILE A 38 -3.56 -23.16 1.55
C ILE A 38 -2.97 -22.37 2.71
N VAL A 39 -3.58 -21.23 3.03
CA VAL A 39 -3.12 -20.42 4.14
C VAL A 39 -4.25 -20.49 5.14
N VAL A 40 -3.94 -20.86 6.38
CA VAL A 40 -4.98 -20.96 7.40
C VAL A 40 -4.72 -20.03 8.57
N LYS A 41 -5.78 -19.69 9.28
CA LYS A 41 -5.66 -18.82 10.45
C LYS A 41 -5.97 -19.67 11.67
N LEU A 42 -5.00 -19.75 12.58
CA LEU A 42 -5.15 -20.54 13.80
C LEU A 42 -5.98 -19.81 14.86
N ASN A 43 -6.38 -20.54 15.89
CA ASN A 43 -7.17 -19.95 16.98
C ASN A 43 -6.36 -18.87 17.70
N SER A 44 -5.05 -18.99 17.64
CA SER A 44 -4.16 -18.03 18.28
C SER A 44 -4.13 -16.72 17.52
N GLY A 45 -4.56 -16.76 16.25
CA GLY A 45 -4.56 -15.56 15.43
C GLY A 45 -3.43 -15.56 14.43
N ASP A 46 -2.52 -16.53 14.53
CA ASP A 46 -1.41 -16.61 13.60
C ASP A 46 -1.83 -17.27 12.29
N TYR A 47 -1.10 -16.96 11.22
CA TYR A 47 -1.38 -17.54 9.91
C TYR A 47 -0.27 -18.55 9.58
N LYS A 48 -0.66 -19.64 8.93
CA LYS A 48 0.28 -20.69 8.55
C LYS A 48 0.00 -21.16 7.13
N THR A 49 1.06 -21.38 6.36
CA THR A 49 0.91 -21.90 5.01
C THR A 49 1.06 -23.40 5.15
N ILE A 50 0.07 -24.15 4.70
CA ILE A 50 0.06 -25.60 4.81
C ILE A 50 0.03 -26.26 3.43
N HIS A 51 0.95 -27.17 3.17
CA HIS A 51 0.97 -27.89 1.90
C HIS A 51 0.35 -29.26 2.13
N LEU A 52 -0.26 -29.82 1.08
CA LEU A 52 -0.90 -31.13 1.18
C LEU A 52 0.13 -32.24 1.07
N SER A 53 0.17 -33.11 2.07
CA SER A 53 1.16 -34.17 2.08
C SER A 53 1.04 -35.23 0.98
N SER A 54 2.21 -35.62 0.50
CA SER A 54 2.38 -36.66 -0.53
C SER A 54 1.76 -36.43 -1.91
N ILE A 55 1.54 -35.18 -2.28
CA ILE A 55 1.02 -34.88 -3.62
C ILE A 55 1.79 -33.72 -4.22
N ARG A 56 1.76 -33.63 -5.54
CA ARG A 56 2.43 -32.55 -6.26
C ARG A 56 1.38 -31.89 -7.12
N PRO A 57 1.37 -30.55 -7.18
CA PRO A 57 0.37 -29.88 -8.01
C PRO A 57 0.87 -29.99 -9.45
N PRO A 58 0.03 -29.67 -10.43
CA PRO A 58 0.56 -29.79 -11.79
C PRO A 58 1.69 -28.77 -11.96
N ARG A 59 2.73 -29.16 -12.69
CA ARG A 59 3.87 -28.27 -12.92
C ARG A 59 4.37 -28.43 -14.34
N LEU A 60 5.01 -27.39 -14.86
CA LEU A 60 5.54 -27.45 -16.21
C LEU A 60 7.01 -27.84 -16.22
N GLU A 61 7.50 -28.31 -15.09
CA GLU A 61 8.90 -28.73 -14.99
C GLU A 61 9.20 -29.82 -16.01
N GLY A 62 10.21 -29.59 -16.84
CA GLY A 62 10.56 -30.58 -17.85
C GLY A 62 10.12 -30.21 -19.25
N GLU A 63 9.22 -29.23 -19.35
CA GLU A 63 8.71 -28.77 -20.64
C GLU A 63 9.25 -27.41 -20.99
N ASN A 64 9.44 -27.15 -22.28
CA ASN A 64 9.94 -25.85 -22.72
C ASN A 64 8.80 -24.86 -22.85
N THR A 65 9.00 -23.66 -22.31
CA THR A 65 7.97 -22.62 -22.36
C THR A 65 8.51 -21.30 -22.88
N GLN A 66 9.42 -21.37 -23.86
CA GLN A 66 10.00 -20.15 -24.42
C GLN A 66 8.94 -19.24 -25.02
N ASP A 67 7.83 -19.84 -25.45
CA ASP A 67 6.74 -19.07 -26.04
C ASP A 67 6.10 -18.17 -24.98
N LYS A 68 6.36 -18.47 -23.71
CA LYS A 68 5.82 -17.70 -22.59
C LYS A 68 6.91 -16.96 -21.81
N ASN A 69 8.09 -16.81 -22.40
CA ASN A 69 9.18 -16.11 -21.70
C ASN A 69 8.72 -14.79 -21.09
N LYS A 70 8.97 -14.65 -19.79
CA LYS A 70 8.60 -13.48 -19.01
C LYS A 70 7.17 -12.96 -19.22
N LYS A 71 6.25 -13.88 -19.48
CA LYS A 71 4.84 -13.55 -19.67
C LYS A 71 4.01 -14.73 -19.21
N LEU A 72 4.68 -15.74 -18.65
CA LEU A 72 3.99 -16.94 -18.18
C LEU A 72 3.25 -16.66 -16.87
N ARG A 73 2.00 -17.08 -16.82
CA ARG A 73 1.15 -16.92 -15.65
C ARG A 73 0.72 -18.34 -15.25
N PRO A 74 1.41 -18.91 -14.25
CA PRO A 74 1.14 -20.26 -13.74
C PRO A 74 -0.33 -20.64 -13.61
N LEU A 75 -1.11 -19.77 -12.97
CA LEU A 75 -2.53 -20.05 -12.76
C LEU A 75 -3.28 -20.41 -14.03
N TYR A 76 -2.93 -19.75 -15.13
CA TYR A 76 -3.61 -20.00 -16.39
C TYR A 76 -2.84 -20.81 -17.41
N ASP A 77 -1.51 -20.82 -17.29
CA ASP A 77 -0.68 -21.54 -18.25
C ASP A 77 -0.26 -22.97 -17.91
N ILE A 78 -0.34 -23.36 -16.64
CA ILE A 78 0.03 -24.73 -16.28
C ILE A 78 -1.20 -25.62 -16.47
N PRO A 79 -1.05 -26.74 -17.19
CA PRO A 79 -2.17 -27.65 -17.42
C PRO A 79 -2.93 -28.02 -16.15
N TYR A 80 -4.24 -27.81 -16.16
CA TYR A 80 -5.12 -28.12 -15.04
C TYR A 80 -4.91 -27.35 -13.73
N MET A 81 -4.03 -26.35 -13.73
CA MET A 81 -3.78 -25.58 -12.52
C MET A 81 -5.00 -24.75 -12.14
N PHE A 82 -5.63 -24.14 -13.13
CA PHE A 82 -6.80 -23.33 -12.88
C PHE A 82 -7.90 -24.22 -12.32
N GLU A 83 -8.12 -25.37 -12.95
CA GLU A 83 -9.13 -26.30 -12.50
C GLU A 83 -8.89 -26.72 -11.05
N ALA A 84 -7.64 -27.00 -10.71
CA ALA A 84 -7.30 -27.41 -9.35
C ALA A 84 -7.52 -26.26 -8.35
N ARG A 85 -7.06 -25.06 -8.70
CA ARG A 85 -7.21 -23.91 -7.80
C ARG A 85 -8.69 -23.64 -7.55
N GLU A 86 -9.50 -23.69 -8.60
CA GLU A 86 -10.92 -23.44 -8.46
C GLU A 86 -11.63 -24.51 -7.64
N PHE A 87 -11.22 -25.76 -7.80
CA PHE A 87 -11.84 -26.84 -7.04
C PHE A 87 -11.61 -26.55 -5.55
N LEU A 88 -10.35 -26.27 -5.20
CA LEU A 88 -10.00 -25.97 -3.81
C LEU A 88 -10.64 -24.71 -3.28
N ARG A 89 -10.62 -23.65 -4.08
CA ARG A 89 -11.18 -22.37 -3.66
C ARG A 89 -12.67 -22.47 -3.33
N LYS A 90 -13.46 -23.03 -4.24
CA LYS A 90 -14.89 -23.14 -4.02
C LYS A 90 -15.24 -24.02 -2.83
N LYS A 91 -14.43 -25.05 -2.60
CA LYS A 91 -14.70 -25.96 -1.51
C LYS A 91 -14.17 -25.53 -0.14
N LEU A 92 -13.11 -24.74 -0.11
CA LEU A 92 -12.48 -24.35 1.14
C LEU A 92 -12.44 -22.90 1.61
N ILE A 93 -12.40 -21.95 0.68
CA ILE A 93 -12.29 -20.56 1.10
C ILE A 93 -13.28 -20.15 2.20
N GLY A 94 -12.73 -19.66 3.30
CA GLY A 94 -13.54 -19.23 4.43
C GLY A 94 -14.07 -20.33 5.33
N LYS A 95 -13.68 -21.58 5.06
CA LYS A 95 -14.16 -22.71 5.86
C LYS A 95 -13.16 -23.19 6.91
N LYS A 96 -13.66 -23.96 7.88
CA LYS A 96 -12.81 -24.50 8.94
C LYS A 96 -12.39 -25.91 8.54
N VAL A 97 -11.10 -26.16 8.43
CA VAL A 97 -10.60 -27.49 8.05
C VAL A 97 -9.88 -28.16 9.21
N ASN A 98 -9.87 -29.49 9.20
CA ASN A 98 -9.19 -30.27 10.23
C ASN A 98 -7.81 -30.59 9.66
N VAL A 99 -6.77 -30.25 10.42
CA VAL A 99 -5.41 -30.46 9.96
C VAL A 99 -4.58 -31.39 10.83
N THR A 100 -3.77 -32.22 10.18
CA THR A 100 -2.87 -33.15 10.87
C THR A 100 -1.57 -33.11 10.09
N VAL A 101 -0.53 -32.55 10.71
CA VAL A 101 0.77 -32.45 10.03
C VAL A 101 1.44 -33.82 9.94
N ASP A 102 1.81 -34.21 8.73
CA ASP A 102 2.45 -35.51 8.54
C ASP A 102 3.97 -35.47 8.52
N TYR A 103 4.53 -34.43 7.91
CA TYR A 103 5.98 -34.30 7.84
C TYR A 103 6.38 -32.89 7.41
N ILE A 104 7.66 -32.56 7.59
CA ILE A 104 8.17 -31.25 7.22
C ILE A 104 9.43 -31.37 6.35
N ARG A 105 9.40 -30.73 5.19
CA ARG A 105 10.54 -30.73 4.28
C ARG A 105 11.34 -29.46 4.58
N PRO A 106 12.63 -29.62 4.90
CA PRO A 106 13.46 -28.44 5.21
C PRO A 106 13.55 -27.47 4.03
N ALA A 107 13.61 -28.02 2.82
CA ALA A 107 13.70 -27.21 1.61
C ALA A 107 13.01 -27.90 0.45
N SER A 108 12.06 -27.21 -0.15
CA SER A 108 11.33 -27.76 -1.28
C SER A 108 12.24 -27.96 -2.49
N PRO A 109 12.06 -29.07 -3.21
CA PRO A 109 12.89 -29.35 -4.39
C PRO A 109 12.29 -28.78 -5.67
N ALA A 110 11.12 -28.14 -5.56
CA ALA A 110 10.46 -27.54 -6.72
C ALA A 110 11.41 -26.55 -7.39
N THR A 111 11.38 -26.49 -8.72
CA THR A 111 12.25 -25.58 -9.46
C THR A 111 11.99 -24.12 -9.08
N GLU A 112 10.72 -23.75 -9.01
CA GLU A 112 10.36 -22.39 -8.66
C GLU A 112 9.86 -22.28 -7.24
N THR A 113 10.67 -21.64 -6.39
CA THR A 113 10.30 -21.42 -5.00
C THR A 113 10.81 -20.05 -4.59
N VAL A 114 10.20 -19.51 -3.53
CA VAL A 114 10.61 -18.21 -2.99
C VAL A 114 10.53 -18.35 -1.48
N PRO A 115 11.67 -18.28 -0.80
CA PRO A 115 13.03 -18.09 -1.34
C PRO A 115 13.59 -19.39 -1.92
N ALA A 116 14.88 -19.41 -2.23
CA ALA A 116 15.53 -20.58 -2.80
C ALA A 116 15.53 -21.78 -1.86
N PHE A 117 15.44 -21.51 -0.56
CA PHE A 117 15.40 -22.56 0.45
C PHE A 117 14.08 -22.29 1.18
N SER A 118 13.06 -23.05 0.85
CA SER A 118 11.74 -22.83 1.41
C SER A 118 11.15 -24.07 2.09
N GLU A 119 11.00 -23.99 3.41
CA GLU A 119 10.47 -25.11 4.18
C GLU A 119 9.01 -25.39 3.79
N ARG A 120 8.60 -26.64 3.93
CA ARG A 120 7.24 -27.03 3.59
C ARG A 120 6.66 -27.90 4.71
N THR A 121 5.58 -27.41 5.32
CA THR A 121 4.89 -28.17 6.36
C THR A 121 3.78 -28.89 5.62
N CYS A 122 3.89 -30.20 5.55
CA CYS A 122 2.94 -31.02 4.79
C CYS A 122 1.97 -31.77 5.68
N ALA A 123 0.69 -31.60 5.41
CA ALA A 123 -0.34 -32.20 6.22
C ALA A 123 -1.51 -32.81 5.48
N THR A 124 -2.30 -33.55 6.25
CA THR A 124 -3.51 -34.15 5.76
C THR A 124 -4.54 -33.09 6.14
N VAL A 125 -5.32 -32.63 5.18
CA VAL A 125 -6.34 -31.61 5.44
C VAL A 125 -7.69 -32.22 5.10
N THR A 126 -8.63 -32.18 6.04
CA THR A 126 -9.93 -32.77 5.83
C THR A 126 -11.08 -31.85 6.23
N ILE A 127 -12.23 -32.03 5.58
CA ILE A 127 -13.42 -31.26 5.91
C ILE A 127 -14.65 -32.09 5.55
N GLY A 128 -15.56 -32.21 6.50
CA GLY A 128 -16.77 -32.99 6.27
C GLY A 128 -16.50 -34.42 5.87
N GLY A 129 -15.36 -34.96 6.30
CA GLY A 129 -15.02 -36.33 5.97
C GLY A 129 -14.30 -36.50 4.64
N ILE A 130 -14.03 -35.39 3.97
CA ILE A 130 -13.35 -35.45 2.68
C ILE A 130 -11.88 -35.05 2.83
N ASN A 131 -10.98 -35.95 2.44
CA ASN A 131 -9.55 -35.68 2.47
C ASN A 131 -9.31 -34.85 1.20
N ILE A 132 -8.90 -33.60 1.36
CA ILE A 132 -8.69 -32.71 0.22
C ILE A 132 -7.71 -33.20 -0.83
N ALA A 133 -6.57 -33.73 -0.39
CA ALA A 133 -5.56 -34.24 -1.31
C ALA A 133 -6.15 -35.43 -2.07
N GLU A 134 -6.90 -36.26 -1.37
CA GLU A 134 -7.50 -37.43 -2.00
C GLU A 134 -8.47 -37.00 -3.09
N ALA A 135 -9.27 -35.98 -2.82
CA ALA A 135 -10.24 -35.49 -3.79
C ALA A 135 -9.54 -34.93 -5.03
N LEU A 136 -8.45 -34.19 -4.84
CA LEU A 136 -7.71 -33.62 -5.96
C LEU A 136 -7.12 -34.73 -6.82
N VAL A 137 -6.51 -35.70 -6.17
CA VAL A 137 -5.89 -36.83 -6.85
C VAL A 137 -6.89 -37.63 -7.68
N SER A 138 -8.09 -37.84 -7.13
CA SER A 138 -9.12 -38.61 -7.83
C SER A 138 -9.59 -37.92 -9.10
N LYS A 139 -9.42 -36.61 -9.17
CA LYS A 139 -9.83 -35.83 -10.34
C LYS A 139 -8.63 -35.54 -11.23
N GLY A 140 -7.47 -36.09 -10.86
CA GLY A 140 -6.27 -35.87 -11.64
C GLY A 140 -5.78 -34.43 -11.58
N LEU A 141 -6.17 -33.71 -10.52
CA LEU A 141 -5.76 -32.31 -10.37
C LEU A 141 -4.50 -32.18 -9.51
N ALA A 142 -3.97 -33.32 -9.10
CA ALA A 142 -2.75 -33.43 -8.31
C ALA A 142 -2.26 -34.86 -8.51
N THR A 143 -0.97 -35.10 -8.31
CA THR A 143 -0.44 -36.45 -8.47
C THR A 143 0.24 -36.91 -7.19
N VAL A 144 0.22 -38.22 -6.95
CA VAL A 144 0.83 -38.77 -5.75
C VAL A 144 2.33 -38.96 -5.85
N ILE A 145 3.04 -38.55 -4.81
CA ILE A 145 4.48 -38.69 -4.76
C ILE A 145 4.79 -40.15 -4.44
N ARG A 146 5.76 -40.73 -5.14
CA ARG A 146 6.19 -42.10 -4.89
C ARG A 146 7.46 -42.03 -4.06
N TYR A 147 7.65 -43.00 -3.19
CA TYR A 147 8.79 -43.01 -2.30
C TYR A 147 9.73 -44.20 -2.54
N ARG A 148 11.03 -43.91 -2.55
CA ARG A 148 12.04 -44.93 -2.78
C ARG A 148 12.26 -45.84 -1.57
N GLN A 149 12.28 -45.25 -0.38
CA GLN A 149 12.48 -46.01 0.85
C GLN A 149 11.20 -46.05 1.67
N ASP A 150 10.92 -47.20 2.30
CA ASP A 150 9.73 -47.33 3.12
C ASP A 150 9.83 -46.47 4.37
N ASP A 151 11.02 -45.97 4.64
CA ASP A 151 11.24 -45.13 5.80
C ASP A 151 10.96 -43.65 5.54
N ASP A 152 10.77 -43.30 4.27
CA ASP A 152 10.50 -41.90 3.92
C ASP A 152 9.16 -41.46 4.51
N GLN A 153 9.14 -40.26 5.08
CA GLN A 153 7.94 -39.71 5.68
C GLN A 153 6.90 -39.43 4.59
N ARG A 154 5.65 -39.78 4.88
CA ARG A 154 4.58 -39.57 3.91
C ARG A 154 3.26 -39.34 4.59
N SER A 155 2.24 -39.04 3.78
CA SER A 155 0.89 -38.83 4.27
C SER A 155 0.48 -39.99 5.15
N SER A 156 -0.35 -39.71 6.16
CA SER A 156 -0.83 -40.74 7.06
C SER A 156 -2.04 -41.44 6.43
N HIS A 157 -2.40 -41.03 5.22
CA HIS A 157 -3.51 -41.63 4.48
C HIS A 157 -3.02 -41.95 3.07
N TYR A 158 -1.76 -42.35 2.99
CA TYR A 158 -1.11 -42.66 1.73
C TYR A 158 -1.83 -43.71 0.87
N ASP A 159 -2.25 -44.81 1.47
CA ASP A 159 -2.94 -45.85 0.70
C ASP A 159 -4.21 -45.30 0.05
N GLU A 160 -4.87 -44.37 0.73
CA GLU A 160 -6.09 -43.79 0.18
C GLU A 160 -5.75 -42.88 -1.00
N LEU A 161 -4.59 -42.22 -0.95
CA LEU A 161 -4.18 -41.36 -2.05
C LEU A 161 -3.91 -42.20 -3.29
N LEU A 162 -3.20 -43.32 -3.13
CA LEU A 162 -2.90 -44.18 -4.27
C LEU A 162 -4.17 -44.80 -4.84
N ALA A 163 -5.14 -45.07 -3.98
CA ALA A 163 -6.41 -45.64 -4.43
C ALA A 163 -7.10 -44.59 -5.29
N ALA A 164 -6.96 -43.33 -4.91
CA ALA A 164 -7.57 -42.22 -5.64
C ALA A 164 -6.90 -42.06 -7.00
N GLU A 165 -5.58 -42.30 -7.05
CA GLU A 165 -4.85 -42.19 -8.31
C GLU A 165 -5.32 -43.25 -9.29
N ALA A 166 -5.61 -44.45 -8.78
CA ALA A 166 -6.07 -45.54 -9.62
C ALA A 166 -7.39 -45.14 -10.28
N ARG A 167 -8.23 -44.41 -9.54
CA ARG A 167 -9.51 -43.97 -10.10
C ARG A 167 -9.30 -42.91 -11.17
N ALA A 168 -8.40 -41.97 -10.89
CA ALA A 168 -8.09 -40.92 -11.86
C ALA A 168 -7.58 -41.55 -13.17
N ILE A 169 -6.73 -42.56 -13.04
CA ILE A 169 -6.19 -43.27 -14.21
C ILE A 169 -7.30 -44.02 -14.93
N LYS A 170 -8.05 -44.82 -14.17
CA LYS A 170 -9.16 -45.60 -14.71
C LYS A 170 -10.15 -44.72 -15.47
N ASN A 171 -10.49 -43.58 -14.89
CA ASN A 171 -11.45 -42.66 -15.51
C ASN A 171 -10.81 -41.60 -16.40
N GLY A 172 -9.49 -41.65 -16.55
CA GLY A 172 -8.81 -40.68 -17.39
C GLY A 172 -9.15 -39.24 -17.04
N LYS A 173 -8.90 -38.86 -15.78
CA LYS A 173 -9.20 -37.51 -15.33
C LYS A 173 -7.98 -36.62 -15.17
N GLY A 174 -8.17 -35.33 -15.45
CA GLY A 174 -7.10 -34.35 -15.31
C GLY A 174 -5.80 -34.70 -16.01
N LEU A 175 -4.72 -34.73 -15.24
CA LEU A 175 -3.39 -35.04 -15.77
C LEU A 175 -3.29 -36.46 -16.31
N HIS A 176 -4.26 -37.30 -15.96
CA HIS A 176 -4.24 -38.68 -16.46
C HIS A 176 -5.13 -38.85 -17.68
N SER A 177 -5.78 -37.76 -18.09
CA SER A 177 -6.64 -37.79 -19.27
C SER A 177 -5.76 -37.77 -20.51
N LYS A 178 -6.27 -38.32 -21.61
CA LYS A 178 -5.53 -38.34 -22.86
C LYS A 178 -6.12 -37.32 -23.84
N LYS A 179 -7.17 -36.64 -23.40
CA LYS A 179 -7.82 -35.64 -24.22
C LYS A 179 -7.00 -34.36 -24.33
N GLU A 180 -7.31 -33.56 -25.33
CA GLU A 180 -6.63 -32.30 -25.55
C GLU A 180 -6.64 -31.50 -24.24
N VAL A 181 -5.52 -30.87 -23.90
CA VAL A 181 -5.44 -30.09 -22.66
C VAL A 181 -6.28 -28.82 -22.75
N PRO A 182 -7.09 -28.55 -21.72
CA PRO A 182 -7.93 -27.35 -21.72
C PRO A 182 -7.08 -26.09 -21.70
N ILE A 183 -7.37 -25.15 -22.59
CA ILE A 183 -6.60 -23.92 -22.66
C ILE A 183 -7.38 -22.76 -22.02
N HIS A 184 -6.70 -21.94 -21.23
CA HIS A 184 -7.36 -20.81 -20.60
C HIS A 184 -6.79 -19.50 -21.10
N ARG A 185 -7.67 -18.67 -21.67
CA ARG A 185 -7.30 -17.37 -22.19
C ARG A 185 -7.95 -16.33 -21.29
N VAL A 186 -7.14 -15.51 -20.64
CA VAL A 186 -7.63 -14.49 -19.73
C VAL A 186 -6.99 -13.15 -20.05
N ALA A 187 -7.79 -12.15 -20.40
CA ALA A 187 -7.28 -10.84 -20.71
C ALA A 187 -7.00 -10.12 -19.40
N ASP A 188 -6.12 -9.14 -19.43
CA ASP A 188 -5.80 -8.40 -18.21
C ASP A 188 -5.68 -6.91 -18.54
N ILE A 189 -6.65 -6.12 -18.07
CA ILE A 189 -6.63 -4.68 -18.30
C ILE A 189 -6.35 -3.93 -17.00
N SER A 190 -5.68 -4.60 -16.07
CA SER A 190 -5.34 -4.03 -14.76
C SER A 190 -4.51 -2.76 -14.87
N GLY A 191 -4.93 -1.71 -14.18
CA GLY A 191 -4.20 -0.46 -14.19
C GLY A 191 -3.74 0.01 -15.56
N ASP A 192 -4.55 -0.23 -16.57
CA ASP A 192 -4.22 0.18 -17.93
C ASP A 192 -5.28 1.19 -18.39
N THR A 193 -4.92 2.47 -18.32
CA THR A 193 -5.83 3.55 -18.68
C THR A 193 -6.51 3.46 -20.04
N GLN A 194 -5.76 3.26 -21.12
CA GLN A 194 -6.38 3.18 -22.44
C GLN A 194 -7.35 2.01 -22.56
N LYS A 195 -6.94 0.85 -22.08
CA LYS A 195 -7.79 -0.34 -22.13
C LYS A 195 -9.02 -0.18 -21.25
N ALA A 196 -8.84 0.43 -20.07
CA ALA A 196 -9.96 0.64 -19.14
C ALA A 196 -11.04 1.51 -19.79
N LYS A 197 -10.62 2.53 -20.52
CA LYS A 197 -11.56 3.42 -21.20
C LYS A 197 -12.41 2.66 -22.21
N GLN A 198 -11.81 1.65 -22.82
CA GLN A 198 -12.50 0.83 -23.80
C GLN A 198 -13.57 -0.04 -23.16
N PHE A 199 -13.32 -0.48 -21.92
CA PHE A 199 -14.26 -1.34 -21.22
C PHE A 199 -15.28 -0.62 -20.33
N LEU A 200 -14.97 0.59 -19.93
CA LEU A 200 -15.85 1.35 -19.04
C LEU A 200 -17.35 1.34 -19.35
N PRO A 201 -17.75 1.80 -20.55
CA PRO A 201 -19.18 1.81 -20.89
C PRO A 201 -19.85 0.45 -20.80
N PHE A 202 -19.14 -0.60 -21.22
CA PHE A 202 -19.68 -1.95 -21.17
C PHE A 202 -19.88 -2.40 -19.74
N LEU A 203 -18.90 -2.16 -18.88
CA LEU A 203 -19.02 -2.56 -17.48
C LEU A 203 -20.10 -1.76 -16.78
N GLN A 204 -20.24 -0.50 -17.12
CA GLN A 204 -21.27 0.34 -16.50
C GLN A 204 -22.65 -0.21 -16.88
N ARG A 205 -22.81 -0.55 -18.15
CA ARG A 205 -24.09 -1.06 -18.66
C ARG A 205 -24.45 -2.46 -18.17
N ALA A 206 -23.43 -3.25 -17.81
CA ALA A 206 -23.67 -4.62 -17.35
C ALA A 206 -24.32 -4.70 -15.98
N GLY A 207 -24.40 -3.59 -15.27
CA GLY A 207 -24.98 -3.61 -13.93
C GLY A 207 -24.08 -4.35 -12.97
N ARG A 208 -24.62 -5.34 -12.26
CA ARG A 208 -23.83 -6.11 -11.31
C ARG A 208 -23.13 -7.26 -12.05
N SER A 209 -21.80 -7.28 -12.03
CA SER A 209 -21.04 -8.33 -12.70
C SER A 209 -20.46 -9.30 -11.69
N GLU A 210 -20.45 -10.58 -12.04
CA GLU A 210 -19.89 -11.58 -11.15
C GLU A 210 -18.38 -11.47 -11.22
N ALA A 211 -17.72 -11.63 -10.09
CA ALA A 211 -16.26 -11.54 -10.06
C ALA A 211 -15.71 -12.35 -8.90
N VAL A 212 -14.42 -12.66 -8.98
CA VAL A 212 -13.73 -13.38 -7.94
C VAL A 212 -12.55 -12.49 -7.55
N VAL A 213 -12.40 -12.23 -6.26
CA VAL A 213 -11.30 -11.39 -5.80
C VAL A 213 -10.00 -12.19 -5.80
N GLU A 214 -9.06 -11.77 -6.65
CA GLU A 214 -7.77 -12.46 -6.76
C GLU A 214 -6.68 -11.82 -5.90
N TYR A 215 -6.81 -10.53 -5.64
CA TYR A 215 -5.79 -9.84 -4.84
C TYR A 215 -6.37 -8.63 -4.13
N VAL A 216 -5.82 -8.31 -2.97
CA VAL A 216 -6.24 -7.15 -2.19
C VAL A 216 -5.00 -6.30 -1.94
N PHE A 217 -4.93 -5.14 -2.57
CA PHE A 217 -3.78 -4.25 -2.44
C PHE A 217 -3.82 -3.42 -1.16
N SER A 218 -5.03 -3.11 -0.71
CA SER A 218 -5.23 -2.30 0.47
C SER A 218 -6.68 -2.48 0.91
N GLY A 219 -7.12 -1.70 1.88
CA GLY A 219 -8.49 -1.83 2.32
C GLY A 219 -9.50 -1.58 1.23
N SER A 220 -9.17 -0.71 0.27
CA SER A 220 -10.12 -0.36 -0.79
C SER A 220 -9.76 -0.61 -2.25
N ARG A 221 -8.61 -1.20 -2.54
CA ARG A 221 -8.27 -1.49 -3.93
C ARG A 221 -8.03 -2.98 -4.08
N LEU A 222 -8.63 -3.57 -5.11
CA LEU A 222 -8.52 -5.00 -5.34
C LEU A 222 -8.32 -5.34 -6.81
N LYS A 223 -7.91 -6.58 -7.06
CA LYS A 223 -7.75 -7.05 -8.43
C LYS A 223 -8.84 -8.11 -8.54
N LEU A 224 -9.66 -8.01 -9.59
CA LEU A 224 -10.78 -8.93 -9.76
C LEU A 224 -10.77 -9.70 -11.08
N TYR A 225 -11.31 -10.93 -11.02
CA TYR A 225 -11.43 -11.75 -12.21
C TYR A 225 -12.92 -11.78 -12.55
N LEU A 226 -13.26 -11.41 -13.77
CA LEU A 226 -14.66 -11.41 -14.21
C LEU A 226 -14.85 -12.60 -15.15
N PRO A 227 -15.40 -13.71 -14.64
CA PRO A 227 -15.64 -14.94 -15.42
C PRO A 227 -16.36 -14.77 -16.76
N LYS A 228 -17.41 -13.95 -16.78
CA LYS A 228 -18.17 -13.74 -18.01
C LYS A 228 -17.37 -13.08 -19.12
N GLU A 229 -16.42 -12.22 -18.75
CA GLU A 229 -15.59 -11.55 -19.74
C GLU A 229 -14.19 -12.15 -19.75
N THR A 230 -13.96 -13.17 -18.92
CA THR A 230 -12.64 -13.80 -18.81
C THR A 230 -11.57 -12.71 -18.84
N CYS A 231 -11.74 -11.73 -17.94
CA CYS A 231 -10.82 -10.61 -17.87
C CYS A 231 -10.49 -10.22 -16.43
N LEU A 232 -9.29 -9.68 -16.26
CA LEU A 232 -8.83 -9.22 -14.94
C LEU A 232 -8.85 -7.69 -14.94
N ILE A 233 -9.31 -7.10 -13.84
CA ILE A 233 -9.37 -5.65 -13.70
C ILE A 233 -8.98 -5.23 -12.28
N THR A 234 -8.64 -3.97 -12.09
CA THR A 234 -8.34 -3.47 -10.74
C THR A 234 -9.56 -2.63 -10.39
N PHE A 235 -9.89 -2.59 -9.11
CA PHE A 235 -11.12 -1.96 -8.65
C PHE A 235 -10.94 -1.18 -7.35
N LEU A 236 -11.53 0.03 -7.30
CA LEU A 236 -11.47 0.88 -6.11
C LEU A 236 -12.88 1.03 -5.57
N LEU A 237 -13.05 0.87 -4.26
CA LEU A 237 -14.36 1.00 -3.64
C LEU A 237 -14.85 2.44 -3.69
N ALA A 238 -16.11 2.62 -4.07
CA ALA A 238 -16.72 3.94 -4.16
C ALA A 238 -17.30 4.46 -2.84
N GLY A 239 -17.55 5.77 -2.82
CA GLY A 239 -18.16 6.43 -1.68
C GLY A 239 -17.43 6.57 -0.37
N ILE A 240 -16.17 6.16 -0.32
CA ILE A 240 -15.42 6.24 0.93
C ILE A 240 -13.97 6.63 0.76
N GLU A 241 -13.34 6.99 1.87
CA GLU A 241 -11.92 7.31 1.88
C GLU A 241 -11.37 6.32 2.91
N CYS A 242 -10.42 5.50 2.44
CA CYS A 242 -9.80 4.47 3.26
C CYS A 242 -8.36 4.89 3.57
N PRO A 243 -7.90 4.72 4.82
CA PRO A 243 -6.54 5.11 5.20
C PRO A 243 -5.44 4.52 4.30
N ARG A 244 -4.52 5.37 3.84
CA ARG A 244 -3.42 4.95 2.97
C ARG A 244 -2.25 4.41 3.81
N GLY A 245 -1.38 3.63 3.16
CA GLY A 245 -0.25 3.05 3.85
C GLY A 245 1.03 3.87 3.93
N ALA A 246 2.08 3.25 4.45
CA ALA A 246 3.38 3.90 4.61
C ALA A 246 4.01 4.29 3.28
N ARG A 247 4.98 5.19 3.36
CA ARG A 247 5.70 5.68 2.19
C ARG A 247 7.19 5.80 2.49
N ASN A 248 8.02 5.41 1.52
CA ASN A 248 9.46 5.58 1.69
C ASN A 248 10.07 5.71 0.29
N LEU A 249 9.46 6.61 -0.48
CA LEU A 249 9.88 6.93 -1.83
C LEU A 249 11.02 7.94 -1.72
N PRO A 250 11.73 8.20 -2.82
CA PRO A 250 12.83 9.17 -2.71
C PRO A 250 12.33 10.54 -2.25
N GLY A 251 12.81 10.97 -1.09
CA GLY A 251 12.40 12.26 -0.55
C GLY A 251 11.06 12.30 0.17
N LEU A 252 10.43 11.14 0.34
CA LEU A 252 9.14 11.09 1.04
C LEU A 252 9.04 9.82 1.89
N VAL A 253 9.39 9.96 3.16
CA VAL A 253 9.36 8.85 4.11
C VAL A 253 8.41 9.15 5.25
N GLN A 254 7.34 8.37 5.36
CA GLN A 254 6.36 8.58 6.42
C GLN A 254 5.54 7.34 6.71
N GLU A 255 5.01 7.28 7.93
CA GLU A 255 4.18 6.15 8.33
C GLU A 255 2.83 6.31 7.65
N GLY A 256 2.06 5.22 7.59
CA GLY A 256 0.76 5.30 6.95
C GLY A 256 -0.28 5.97 7.82
N GLU A 257 -1.46 6.22 7.25
CA GLU A 257 -2.54 6.84 8.01
C GLU A 257 -3.03 5.82 9.03
N PRO A 258 -3.54 6.28 10.17
CA PRO A 258 -4.02 5.34 11.18
C PRO A 258 -4.98 4.27 10.69
N PHE A 259 -4.67 3.03 11.04
CA PHE A 259 -5.48 1.86 10.72
C PHE A 259 -5.52 1.41 9.27
N SER A 260 -4.54 1.86 8.49
CA SER A 260 -4.46 1.43 7.09
C SER A 260 -4.20 -0.09 7.06
N GLU A 261 -3.40 -0.57 8.01
CA GLU A 261 -3.07 -1.99 8.06
C GLU A 261 -4.28 -2.86 8.44
N GLU A 262 -5.05 -2.40 9.43
CA GLU A 262 -6.23 -3.17 9.85
C GLU A 262 -7.28 -3.18 8.73
N ALA A 263 -7.38 -2.08 8.00
CA ALA A 263 -8.36 -1.99 6.91
C ALA A 263 -8.04 -3.04 5.84
N THR A 264 -6.76 -3.15 5.50
CA THR A 264 -6.33 -4.12 4.49
C THR A 264 -6.68 -5.54 4.94
N LEU A 265 -6.37 -5.86 6.19
CA LEU A 265 -6.65 -7.19 6.73
C LEU A 265 -8.14 -7.47 6.79
N PHE A 266 -8.93 -6.45 7.12
CA PHE A 266 -10.38 -6.61 7.17
C PHE A 266 -10.88 -7.08 5.80
N THR A 267 -10.49 -6.35 4.76
CA THR A 267 -10.91 -6.69 3.40
C THR A 267 -10.35 -8.05 2.95
N LYS A 268 -9.10 -8.33 3.29
CA LYS A 268 -8.52 -9.62 2.90
C LYS A 268 -9.25 -10.81 3.54
N GLU A 269 -9.52 -10.71 4.84
CA GLU A 269 -10.20 -11.79 5.54
C GLU A 269 -11.64 -12.01 5.10
N LEU A 270 -12.28 -10.97 4.59
CA LEU A 270 -13.67 -11.08 4.17
C LEU A 270 -13.91 -11.44 2.71
N VAL A 271 -13.16 -10.84 1.80
CA VAL A 271 -13.40 -11.07 0.37
C VAL A 271 -12.33 -11.76 -0.47
N LEU A 272 -11.14 -12.00 0.07
CA LEU A 272 -10.11 -12.65 -0.75
C LEU A 272 -10.58 -14.00 -1.29
N GLN A 273 -10.55 -14.13 -2.61
CA GLN A 273 -10.95 -15.34 -3.32
C GLN A 273 -12.42 -15.74 -3.16
N ARG A 274 -13.24 -14.76 -2.80
CA ARG A 274 -14.68 -15.00 -2.67
C ARG A 274 -15.34 -14.56 -3.97
N GLU A 275 -16.50 -15.15 -4.25
CA GLU A 275 -17.25 -14.75 -5.43
C GLU A 275 -18.07 -13.56 -4.93
N VAL A 276 -17.99 -12.45 -5.65
CA VAL A 276 -18.70 -11.24 -5.26
C VAL A 276 -19.37 -10.67 -6.50
N GLU A 277 -20.09 -9.56 -6.34
CA GLU A 277 -20.73 -8.89 -7.46
C GLU A 277 -20.30 -7.42 -7.41
N VAL A 278 -19.95 -6.86 -8.55
CA VAL A 278 -19.52 -5.46 -8.58
C VAL A 278 -20.27 -4.60 -9.59
N GLU A 279 -20.51 -3.36 -9.20
CA GLU A 279 -21.17 -2.38 -10.07
C GLU A 279 -20.07 -1.39 -10.40
N VAL A 280 -19.83 -1.13 -11.68
CA VAL A 280 -18.83 -0.17 -12.08
C VAL A 280 -19.47 1.18 -12.36
N GLU A 281 -19.02 2.21 -11.65
CA GLU A 281 -19.57 3.55 -11.82
C GLU A 281 -18.68 4.44 -12.70
N SER A 282 -17.38 4.40 -12.45
CA SER A 282 -16.42 5.20 -13.22
C SER A 282 -15.03 4.59 -13.16
N MET A 283 -14.02 5.40 -13.45
CA MET A 283 -12.63 4.94 -13.41
C MET A 283 -11.74 6.11 -13.04
N ASP A 284 -10.52 5.82 -12.59
CA ASP A 284 -9.59 6.90 -12.25
C ASP A 284 -8.53 6.97 -13.35
N LYS A 285 -7.63 7.94 -13.23
CA LYS A 285 -6.58 8.12 -14.24
C LYS A 285 -5.59 6.96 -14.34
N ALA A 286 -5.54 6.12 -13.32
CA ALA A 286 -4.62 4.98 -13.31
C ALA A 286 -5.19 3.70 -13.90
N GLY A 287 -6.42 3.76 -14.40
CA GLY A 287 -7.00 2.56 -14.99
C GLY A 287 -7.76 1.69 -14.00
N ASN A 288 -7.97 2.19 -12.79
CA ASN A 288 -8.75 1.47 -11.78
C ASN A 288 -10.21 1.80 -12.00
N PHE A 289 -11.07 0.80 -11.96
CA PHE A 289 -12.50 1.08 -12.09
C PHE A 289 -12.96 1.44 -10.68
N ILE A 290 -13.96 2.31 -10.58
CA ILE A 290 -14.48 2.70 -9.28
C ILE A 290 -15.92 2.20 -9.18
N GLY A 291 -16.27 1.55 -8.08
CA GLY A 291 -17.63 1.06 -7.94
C GLY A 291 -17.95 0.42 -6.61
N TRP A 292 -19.07 -0.31 -6.59
CA TRP A 292 -19.53 -0.96 -5.38
C TRP A 292 -19.32 -2.47 -5.43
N LEU A 293 -18.79 -3.01 -4.34
CA LEU A 293 -18.56 -4.45 -4.25
C LEU A 293 -19.54 -5.03 -3.23
N HIS A 294 -20.23 -6.08 -3.65
CA HIS A 294 -21.22 -6.75 -2.83
C HIS A 294 -20.76 -8.17 -2.52
N ILE A 295 -20.76 -8.52 -1.23
CA ILE A 295 -20.35 -9.84 -0.80
C ILE A 295 -21.43 -10.43 0.12
N ASP A 296 -22.05 -11.52 -0.32
CA ASP A 296 -23.09 -12.19 0.44
C ASP A 296 -24.15 -11.25 1.00
N GLY A 297 -24.68 -10.39 0.14
CA GLY A 297 -25.73 -9.47 0.57
C GLY A 297 -25.27 -8.20 1.26
N ALA A 298 -23.97 -8.03 1.46
CA ALA A 298 -23.45 -6.85 2.11
C ALA A 298 -22.61 -5.99 1.15
N ASN A 299 -22.55 -4.70 1.44
CA ASN A 299 -21.81 -3.73 0.64
C ASN A 299 -20.48 -3.47 1.36
N LEU A 300 -19.35 -3.80 0.70
CA LEU A 300 -18.05 -3.62 1.34
C LEU A 300 -17.73 -2.18 1.77
N SER A 301 -18.10 -1.20 0.96
CA SER A 301 -17.83 0.20 1.33
C SER A 301 -18.56 0.48 2.64
N VAL A 302 -19.79 0.00 2.75
CA VAL A 302 -20.56 0.20 3.98
C VAL A 302 -19.93 -0.55 5.15
N LEU A 303 -19.48 -1.77 4.93
CA LEU A 303 -18.85 -2.54 6.00
C LEU A 303 -17.61 -1.86 6.57
N LEU A 304 -16.74 -1.35 5.71
CA LEU A 304 -15.53 -0.68 6.17
C LEU A 304 -15.87 0.53 7.04
N VAL A 305 -16.85 1.31 6.62
CA VAL A 305 -17.27 2.49 7.38
C VAL A 305 -17.86 2.04 8.72
N GLU A 306 -18.67 0.99 8.67
CA GLU A 306 -19.32 0.43 9.86
C GLU A 306 -18.30 0.02 10.90
N HIS A 307 -17.21 -0.60 10.45
CA HIS A 307 -16.15 -1.06 11.34
C HIS A 307 -15.13 0.02 11.66
N ALA A 308 -15.44 1.26 11.30
CA ALA A 308 -14.55 2.40 11.55
C ALA A 308 -13.19 2.24 10.88
N LEU A 309 -13.19 1.67 9.68
CA LEU A 309 -11.95 1.47 8.94
C LEU A 309 -11.91 2.29 7.65
N SER A 310 -12.84 3.24 7.54
CA SER A 310 -12.95 4.14 6.40
C SER A 310 -13.98 5.21 6.77
N LYS A 311 -14.00 6.29 6.02
CA LYS A 311 -14.95 7.37 6.25
C LYS A 311 -15.75 7.64 4.98
N VAL A 312 -16.94 8.21 5.13
CA VAL A 312 -17.77 8.50 3.97
C VAL A 312 -17.20 9.68 3.19
N HIS A 313 -17.22 9.54 1.86
CA HIS A 313 -16.69 10.56 0.96
C HIS A 313 -17.87 11.30 0.31
N PHE A 314 -17.66 12.51 -0.16
CA PHE A 314 -18.76 13.28 -0.76
C PHE A 314 -19.32 12.66 -2.03
N THR A 315 -18.57 11.76 -2.65
CA THR A 315 -19.03 11.10 -3.87
C THR A 315 -20.22 10.19 -3.58
N ALA A 316 -20.41 9.85 -2.31
CA ALA A 316 -21.50 8.97 -1.92
C ALA A 316 -22.85 9.70 -1.85
N GLU A 317 -22.81 11.01 -1.68
CA GLU A 317 -24.02 11.84 -1.57
C GLU A 317 -25.13 11.60 -2.60
N ARG A 318 -24.76 11.41 -3.85
CA ARG A 318 -25.76 11.19 -4.90
C ARG A 318 -26.05 9.71 -5.15
N SER A 319 -25.58 8.85 -4.24
CA SER A 319 -25.79 7.42 -4.37
C SER A 319 -26.95 6.90 -3.54
N SER A 320 -27.56 5.82 -4.02
CA SER A 320 -28.68 5.21 -3.32
C SER A 320 -28.19 4.54 -2.03
N TYR A 321 -26.87 4.41 -1.89
CA TYR A 321 -26.29 3.80 -0.70
C TYR A 321 -25.92 4.83 0.35
N TYR A 322 -26.14 6.10 0.04
CA TYR A 322 -25.80 7.19 0.95
C TYR A 322 -26.39 7.02 2.36
N LYS A 323 -27.65 6.62 2.45
CA LYS A 323 -28.28 6.43 3.75
C LYS A 323 -27.59 5.36 4.58
N SER A 324 -27.31 4.21 3.95
CA SER A 324 -26.63 3.12 4.66
C SER A 324 -25.24 3.55 5.13
N LEU A 325 -24.54 4.28 4.27
CA LEU A 325 -23.20 4.75 4.60
C LEU A 325 -23.23 5.70 5.80
N LEU A 326 -24.17 6.65 5.79
CA LEU A 326 -24.28 7.60 6.88
C LEU A 326 -24.63 6.91 8.20
N SER A 327 -25.54 5.96 8.14
CA SER A 327 -25.95 5.21 9.32
C SER A 327 -24.75 4.49 9.92
N ALA A 328 -23.97 3.85 9.07
CA ALA A 328 -22.79 3.12 9.51
C ALA A 328 -21.78 4.08 10.14
N GLU A 329 -21.50 5.18 9.44
CA GLU A 329 -20.53 6.15 9.93
C GLU A 329 -20.97 6.75 11.27
N GLU A 330 -22.28 6.90 11.44
CA GLU A 330 -22.83 7.45 12.67
C GLU A 330 -22.47 6.57 13.85
N ALA A 331 -22.74 5.27 13.71
CA ALA A 331 -22.46 4.30 14.77
C ALA A 331 -20.97 4.17 15.03
N ALA A 332 -20.16 4.26 13.98
CA ALA A 332 -18.72 4.15 14.12
C ALA A 332 -18.13 5.35 14.87
N LYS A 333 -18.54 6.55 14.48
CA LYS A 333 -18.02 7.75 15.12
C LYS A 333 -18.37 7.83 16.60
N GLN A 334 -19.51 7.25 16.98
CA GLN A 334 -19.93 7.27 18.38
C GLN A 334 -19.02 6.43 19.26
N LYS A 335 -18.44 5.37 18.70
CA LYS A 335 -17.54 4.51 19.44
C LYS A 335 -16.19 5.17 19.66
N LYS A 336 -15.91 6.20 18.88
CA LYS A 336 -14.67 6.96 18.98
C LYS A 336 -13.39 6.12 18.93
N GLU A 337 -13.38 5.08 18.09
CA GLU A 337 -12.19 4.24 17.97
C GLU A 337 -11.71 4.17 16.51
N LYS A 338 -10.50 3.65 16.34
CA LYS A 338 -9.90 3.50 15.03
C LYS A 338 -9.82 4.82 14.26
N VAL A 339 -10.38 4.87 13.06
CA VAL A 339 -10.31 6.10 12.28
C VAL A 339 -10.95 7.29 13.00
N TRP A 340 -11.72 7.01 14.05
CA TRP A 340 -12.37 8.06 14.82
C TRP A 340 -11.78 8.22 16.22
N ALA A 341 -10.66 7.56 16.47
CA ALA A 341 -10.00 7.65 17.78
C ALA A 341 -9.61 9.09 18.08
N MET A 352 11.26 12.92 22.55
CA MET A 352 11.90 11.65 22.18
C MET A 352 13.41 11.74 22.42
N PRO A 353 13.93 10.91 23.34
CA PRO A 353 15.37 10.95 23.61
C PRO A 353 16.11 10.34 22.41
N VAL A 354 17.39 10.69 22.25
CA VAL A 354 18.17 10.15 21.15
C VAL A 354 19.46 9.53 21.65
N LEU A 355 20.09 8.71 20.81
CA LEU A 355 21.32 8.05 21.17
C LEU A 355 22.38 9.03 21.65
N GLU A 356 23.02 8.71 22.77
CA GLU A 356 24.08 9.55 23.32
C GLU A 356 25.31 9.35 22.47
N GLU A 357 26.01 10.44 22.17
CA GLU A 357 27.23 10.36 21.37
C GLU A 357 28.31 11.22 22.02
N LYS A 358 29.57 10.91 21.73
CA LYS A 358 30.68 11.65 22.30
C LYS A 358 30.77 13.08 21.80
N GLU A 359 30.84 13.24 20.49
CA GLU A 359 30.96 14.56 19.89
C GLU A 359 29.68 15.04 19.20
N ARG A 360 29.49 16.34 19.18
CA ARG A 360 28.32 16.93 18.53
C ARG A 360 28.61 16.96 17.03
N SER A 361 27.57 16.74 16.23
CA SER A 361 27.67 16.72 14.77
C SER A 361 28.59 17.80 14.18
N ALA A 362 28.07 19.01 14.03
CA ALA A 362 28.84 20.12 13.47
C ALA A 362 29.29 19.88 12.03
N SER A 363 28.34 19.89 11.10
CA SER A 363 28.62 19.69 9.68
C SER A 363 27.62 20.51 8.87
N TYR A 364 27.89 21.80 8.73
CA TYR A 364 27.00 22.72 8.02
C TYR A 364 27.04 22.65 6.50
N LYS A 365 25.88 22.49 5.89
CA LYS A 365 25.75 22.41 4.44
C LYS A 365 24.79 23.46 3.93
N PRO A 366 25.03 23.97 2.70
CA PRO A 366 24.18 25.00 2.10
C PRO A 366 22.80 24.50 1.69
N VAL A 367 21.77 25.24 2.13
CA VAL A 367 20.40 24.90 1.81
C VAL A 367 19.65 26.18 1.47
N PHE A 368 18.55 26.04 0.73
CA PHE A 368 17.75 27.20 0.38
C PHE A 368 16.42 27.09 1.12
N VAL A 369 16.16 28.03 2.01
CA VAL A 369 14.92 28.04 2.79
C VAL A 369 13.79 28.61 1.95
N THR A 370 12.79 27.77 1.68
CA THR A 370 11.66 28.17 0.86
C THR A 370 10.39 28.61 1.59
N GLU A 371 10.09 27.98 2.71
CA GLU A 371 8.88 28.30 3.45
C GLU A 371 9.04 28.21 4.97
N ILE A 372 8.38 29.12 5.67
CA ILE A 372 8.39 29.12 7.13
C ILE A 372 6.92 28.85 7.49
N THR A 373 6.66 27.89 8.36
CA THR A 373 5.28 27.58 8.72
C THR A 373 4.85 28.33 9.98
N ASP A 374 3.54 28.38 10.22
CA ASP A 374 2.99 29.06 11.38
C ASP A 374 3.39 28.44 12.71
N ASP A 375 3.81 27.17 12.69
CA ASP A 375 4.22 26.53 13.93
C ASP A 375 5.74 26.48 14.05
N LEU A 376 6.39 27.44 13.43
CA LEU A 376 7.85 27.59 13.47
C LEU A 376 8.67 26.45 12.89
N HIS A 377 8.15 25.81 11.85
CA HIS A 377 8.90 24.77 11.16
C HIS A 377 9.24 25.44 9.84
N PHE A 378 10.13 24.84 9.06
CA PHE A 378 10.49 25.41 7.77
C PHE A 378 10.94 24.33 6.80
N TYR A 379 10.85 24.65 5.51
CA TYR A 379 11.23 23.74 4.45
C TYR A 379 12.44 24.30 3.72
N VAL A 380 13.35 23.41 3.33
CA VAL A 380 14.55 23.82 2.62
C VAL A 380 14.85 22.86 1.47
N GLN A 381 15.63 23.33 0.51
CA GLN A 381 16.05 22.53 -0.63
C GLN A 381 17.57 22.44 -0.59
N ASP A 382 18.11 21.34 -1.10
CA ASP A 382 19.55 21.15 -1.16
C ASP A 382 20.07 22.04 -2.29
N VAL A 383 20.99 22.96 -1.98
CA VAL A 383 21.54 23.84 -2.99
C VAL A 383 22.30 23.05 -4.07
N GLU A 384 22.93 21.95 -3.66
CA GLU A 384 23.68 21.13 -4.60
C GLU A 384 22.83 20.49 -5.70
N THR A 385 21.55 20.31 -5.47
CA THR A 385 20.68 19.71 -6.49
C THR A 385 19.71 20.70 -7.11
N GLY A 386 19.95 21.98 -6.90
CA GLY A 386 19.09 23.01 -7.45
C GLY A 386 18.98 22.92 -8.96
N THR A 387 20.09 22.60 -9.63
CA THR A 387 20.08 22.50 -11.09
C THR A 387 19.22 21.33 -11.57
N GLN A 388 19.22 20.24 -10.81
CA GLN A 388 18.41 19.08 -11.19
C GLN A 388 16.93 19.42 -11.13
N LEU A 389 16.53 20.19 -10.11
CA LEU A 389 15.14 20.59 -9.98
C LEU A 389 14.79 21.51 -11.14
N GLU A 390 15.69 22.43 -11.47
CA GLU A 390 15.44 23.34 -12.58
C GLU A 390 15.26 22.59 -13.89
N LYS A 391 16.13 21.61 -14.14
CA LYS A 391 16.05 20.82 -15.37
C LYS A 391 14.75 20.03 -15.43
N LEU A 392 14.34 19.46 -14.31
CA LEU A 392 13.11 18.68 -14.27
C LEU A 392 11.90 19.58 -14.57
N MET A 393 11.85 20.75 -13.95
CA MET A 393 10.74 21.65 -14.18
C MET A 393 10.63 22.09 -15.64
N GLU A 394 11.76 22.36 -16.29
CA GLU A 394 11.73 22.75 -17.70
C GLU A 394 11.20 21.59 -18.52
N ASN A 395 11.75 20.40 -18.30
CA ASN A 395 11.31 19.21 -19.02
C ASN A 395 9.82 18.94 -18.79
N MET A 396 9.40 18.98 -17.52
CA MET A 396 8.00 18.72 -17.19
C MET A 396 7.06 19.76 -17.80
N ARG A 397 7.40 21.04 -17.62
CA ARG A 397 6.55 22.09 -18.15
C ARG A 397 6.48 22.09 -19.67
N ASN A 398 7.58 21.71 -20.32
CA ASN A 398 7.57 21.65 -21.78
C ASN A 398 6.69 20.47 -22.21
N ASP A 399 6.72 19.39 -21.43
CA ASP A 399 5.90 18.24 -21.76
C ASP A 399 4.42 18.58 -21.56
N ILE A 400 4.13 19.36 -20.52
CA ILE A 400 2.76 19.78 -20.22
C ILE A 400 2.23 20.70 -21.30
N ALA A 401 3.10 21.58 -21.80
CA ALA A 401 2.74 22.52 -22.86
C ALA A 401 2.36 21.78 -24.13
N SER A 402 2.97 20.61 -24.33
CA SER A 402 2.70 19.80 -25.50
C SER A 402 1.49 18.89 -25.30
N HIS A 403 1.24 18.53 -24.04
CA HIS A 403 0.11 17.66 -23.70
C HIS A 403 -0.64 18.24 -22.50
N PRO A 404 -1.40 19.32 -22.73
CA PRO A 404 -2.18 20.01 -21.70
C PRO A 404 -3.19 19.13 -20.98
N PRO A 405 -3.22 19.18 -19.64
CA PRO A 405 -4.18 18.36 -18.91
C PRO A 405 -5.59 18.87 -19.21
N VAL A 406 -6.55 17.96 -19.31
CA VAL A 406 -7.93 18.35 -19.59
C VAL A 406 -8.63 18.88 -18.35
N GLU A 407 -8.97 20.16 -18.39
CA GLU A 407 -9.64 20.80 -17.27
C GLU A 407 -10.92 20.09 -16.80
N GLY A 408 -10.96 19.78 -15.51
CA GLY A 408 -12.12 19.12 -14.93
C GLY A 408 -12.26 17.62 -15.10
N SER A 409 -11.35 17.01 -15.85
CA SER A 409 -11.42 15.56 -16.07
C SER A 409 -10.57 14.78 -15.08
N TYR A 410 -10.27 15.38 -13.93
CA TYR A 410 -9.44 14.72 -12.93
C TYR A 410 -9.97 14.83 -11.51
N ALA A 411 -10.39 13.69 -10.96
CA ALA A 411 -10.90 13.62 -9.59
C ALA A 411 -9.80 12.95 -8.76
N PRO A 412 -8.98 13.76 -8.07
CA PRO A 412 -7.87 13.28 -7.23
C PRO A 412 -8.27 12.46 -6.01
N ARG A 413 -7.41 11.52 -5.64
CA ARG A 413 -7.64 10.69 -4.47
C ARG A 413 -6.60 11.11 -3.44
N ARG A 414 -7.01 11.12 -2.17
CA ARG A 414 -6.12 11.51 -1.08
C ARG A 414 -4.82 10.68 -1.12
N GLY A 415 -3.68 11.36 -1.02
CA GLY A 415 -2.39 10.68 -1.04
C GLY A 415 -1.76 10.52 -2.42
N GLU A 416 -2.54 10.81 -3.45
CA GLU A 416 -2.05 10.69 -4.83
C GLU A 416 -1.12 11.83 -5.25
N PHE A 417 -0.15 11.50 -6.11
CA PHE A 417 0.78 12.50 -6.63
C PHE A 417 0.10 13.13 -7.83
N CYS A 418 0.46 14.36 -8.15
CA CYS A 418 -0.14 15.05 -9.28
C CYS A 418 0.65 16.31 -9.57
N ILE A 419 0.19 17.09 -10.54
CA ILE A 419 0.81 18.37 -10.84
C ILE A 419 -0.26 19.39 -10.49
N ALA A 420 0.16 20.55 -9.98
CA ALA A 420 -0.77 21.60 -9.60
C ALA A 420 -0.29 22.94 -10.14
N LYS A 421 -1.24 23.76 -10.59
CA LYS A 421 -0.93 25.06 -11.16
C LYS A 421 -1.00 26.13 -10.07
N PHE A 422 0.17 26.64 -9.69
CA PHE A 422 0.30 27.66 -8.66
C PHE A 422 -0.15 29.05 -9.13
N VAL A 423 -0.19 30.02 -8.21
CA VAL A 423 -0.63 31.36 -8.54
C VAL A 423 0.20 32.06 -9.61
N ASP A 424 1.45 31.63 -9.77
CA ASP A 424 2.32 32.24 -10.77
C ASP A 424 1.99 31.68 -12.15
N GLY A 425 0.96 30.83 -12.21
CA GLY A 425 0.55 30.26 -13.48
C GLY A 425 1.41 29.10 -13.97
N GLU A 426 2.37 28.66 -13.16
CA GLU A 426 3.26 27.56 -13.54
C GLU A 426 2.83 26.26 -12.85
N TRP A 427 3.16 25.12 -13.48
CA TRP A 427 2.83 23.81 -12.91
C TRP A 427 3.96 23.29 -12.04
N TYR A 428 3.59 22.63 -10.94
CA TYR A 428 4.54 22.07 -9.99
C TYR A 428 4.11 20.67 -9.57
N ARG A 429 5.05 19.90 -9.05
CA ARG A 429 4.75 18.54 -8.59
C ARG A 429 4.05 18.70 -7.23
N ALA A 430 3.04 17.90 -6.99
CA ALA A 430 2.32 18.02 -5.72
C ALA A 430 1.74 16.69 -5.26
N ARG A 431 1.23 16.71 -4.04
CA ARG A 431 0.60 15.55 -3.45
C ARG A 431 -0.71 16.02 -2.82
N VAL A 432 -1.77 15.27 -3.08
CA VAL A 432 -3.09 15.60 -2.55
C VAL A 432 -3.13 15.18 -1.08
N GLU A 433 -3.46 16.12 -0.20
CA GLU A 433 -3.52 15.81 1.23
C GLU A 433 -4.93 15.65 1.76
N LYS A 434 -5.88 16.35 1.15
CA LYS A 434 -7.27 16.29 1.57
C LYS A 434 -8.18 16.69 0.42
N VAL A 435 -9.26 15.94 0.23
CA VAL A 435 -10.21 16.23 -0.83
C VAL A 435 -11.54 16.64 -0.20
N GLU A 436 -11.73 17.95 -0.04
CA GLU A 436 -12.93 18.50 0.56
C GLU A 436 -14.11 18.44 -0.40
N SER A 437 -13.86 18.80 -1.64
CA SER A 437 -14.88 18.80 -2.70
C SER A 437 -14.12 19.00 -4.01
N PRO A 438 -14.80 18.84 -5.15
CA PRO A 438 -14.14 19.03 -6.44
C PRO A 438 -13.50 20.40 -6.60
N ALA A 439 -14.02 21.40 -5.89
CA ALA A 439 -13.48 22.75 -5.98
C ALA A 439 -12.47 23.05 -4.88
N LYS A 440 -12.37 22.16 -3.90
CA LYS A 440 -11.44 22.37 -2.80
C LYS A 440 -10.54 21.16 -2.53
N ILE A 441 -9.43 21.12 -3.26
CA ILE A 441 -8.44 20.06 -3.12
C ILE A 441 -7.23 20.63 -2.41
N HIS A 442 -6.89 20.06 -1.26
CA HIS A 442 -5.73 20.53 -0.51
C HIS A 442 -4.49 19.82 -1.03
N VAL A 443 -3.52 20.58 -1.52
CA VAL A 443 -2.29 20.00 -2.03
C VAL A 443 -1.06 20.53 -1.34
N PHE A 444 0.02 19.76 -1.46
CA PHE A 444 1.32 20.09 -0.88
C PHE A 444 2.34 20.02 -2.02
N TYR A 445 3.04 21.13 -2.25
CA TYR A 445 4.05 21.18 -3.32
C TYR A 445 5.31 20.52 -2.77
N ILE A 446 5.53 19.27 -3.20
CA ILE A 446 6.64 18.47 -2.72
C ILE A 446 8.05 19.00 -2.90
N ASP A 447 8.27 19.91 -3.84
CA ASP A 447 9.61 20.43 -4.06
C ASP A 447 9.84 21.79 -3.36
N TYR A 448 8.77 22.38 -2.84
CA TYR A 448 8.89 23.70 -2.20
C TYR A 448 8.41 23.78 -0.74
N GLY A 449 7.39 23.00 -0.40
CA GLY A 449 6.92 23.00 0.97
C GLY A 449 5.66 23.77 1.29
N ASN A 450 5.17 24.59 0.36
CA ASN A 450 3.96 25.36 0.61
C ASN A 450 2.70 24.55 0.29
N ARG A 451 1.58 24.97 0.86
CA ARG A 451 0.31 24.29 0.67
C ARG A 451 -0.71 25.24 0.10
N GLU A 452 -1.71 24.68 -0.60
CA GLU A 452 -2.74 25.50 -1.20
C GLU A 452 -4.00 24.69 -1.42
N VAL A 453 -5.14 25.36 -1.37
CA VAL A 453 -6.42 24.69 -1.62
C VAL A 453 -6.82 25.14 -3.02
N LEU A 454 -6.93 24.16 -3.93
CA LEU A 454 -7.25 24.46 -5.32
C LEU A 454 -8.39 23.64 -5.87
N PRO A 455 -8.96 24.10 -7.01
CA PRO A 455 -10.07 23.40 -7.65
C PRO A 455 -9.43 22.29 -8.51
N SER A 456 -10.15 21.22 -8.76
CA SER A 456 -9.62 20.11 -9.56
C SER A 456 -9.21 20.57 -10.95
N THR A 457 -9.75 21.71 -11.39
CA THR A 457 -9.45 22.25 -12.70
C THR A 457 -8.01 22.75 -12.82
N ARG A 458 -7.34 22.92 -11.68
CA ARG A 458 -5.96 23.38 -11.68
C ARG A 458 -5.00 22.24 -11.30
N LEU A 459 -5.48 21.02 -11.45
CA LEU A 459 -4.69 19.82 -11.15
C LEU A 459 -4.61 18.95 -12.39
N GLY A 460 -3.54 18.15 -12.46
CA GLY A 460 -3.36 17.26 -13.58
C GLY A 460 -2.54 16.06 -13.13
N THR A 461 -2.35 15.09 -14.01
CA THR A 461 -1.58 13.90 -13.66
C THR A 461 -0.07 14.12 -13.78
N LEU A 462 0.67 13.48 -12.89
CA LEU A 462 2.13 13.58 -12.89
C LEU A 462 2.70 12.36 -13.64
N SER A 463 3.29 12.61 -14.79
CA SER A 463 3.87 11.54 -15.60
C SER A 463 5.01 10.83 -14.88
N PRO A 464 5.15 9.51 -15.07
CA PRO A 464 6.21 8.74 -14.42
C PRO A 464 7.59 9.34 -14.69
N ALA A 465 7.75 9.93 -15.86
CA ALA A 465 9.03 10.52 -16.25
C ALA A 465 9.45 11.68 -15.37
N PHE A 466 8.52 12.21 -14.58
CA PHE A 466 8.83 13.35 -13.71
C PHE A 466 8.50 13.07 -12.24
N SER A 467 8.28 11.80 -11.90
CA SER A 467 7.93 11.44 -10.53
C SER A 467 9.13 11.35 -9.61
N THR A 468 8.89 10.97 -8.35
CA THR A 468 9.99 10.85 -7.40
C THR A 468 10.87 9.65 -7.73
N ARG A 469 10.44 8.87 -8.74
CA ARG A 469 11.22 7.73 -9.21
C ARG A 469 12.41 8.26 -10.01
N VAL A 470 12.26 9.49 -10.50
CA VAL A 470 13.30 10.14 -11.30
C VAL A 470 14.08 11.16 -10.48
N LEU A 471 13.36 12.08 -9.82
CA LEU A 471 14.00 13.07 -8.96
C LEU A 471 13.25 13.12 -7.63
N PRO A 472 13.97 12.91 -6.51
CA PRO A 472 13.33 12.93 -5.19
C PRO A 472 12.57 14.23 -4.90
N ALA A 473 11.60 14.17 -4.00
CA ALA A 473 10.87 15.38 -3.60
C ALA A 473 12.00 16.28 -3.05
N GLN A 474 12.06 17.52 -3.52
CA GLN A 474 13.15 18.40 -3.11
C GLN A 474 13.06 19.16 -1.79
N ALA A 475 11.86 19.29 -1.24
CA ALA A 475 11.68 20.01 0.02
C ALA A 475 11.78 19.07 1.22
N THR A 476 12.40 19.56 2.29
CA THR A 476 12.53 18.79 3.52
C THR A 476 12.06 19.67 4.67
N GLU A 477 11.26 19.10 5.55
CA GLU A 477 10.73 19.83 6.70
C GLU A 477 11.69 19.72 7.88
N TYR A 478 11.99 20.86 8.50
CA TYR A 478 12.89 20.90 9.64
C TYR A 478 12.37 21.83 10.73
N ALA A 479 12.92 21.68 11.93
CA ALA A 479 12.56 22.52 13.07
C ALA A 479 13.85 22.99 13.73
N PHE A 480 13.79 24.09 14.47
CA PHE A 480 14.96 24.60 15.15
C PHE A 480 15.26 23.75 16.38
N ALA A 481 16.53 23.41 16.56
CA ALA A 481 16.95 22.61 17.69
C ALA A 481 17.15 23.51 18.92
N PHE A 482 17.00 22.92 20.09
CA PHE A 482 17.21 23.61 21.37
C PHE A 482 16.28 24.76 21.72
N ILE A 483 15.17 24.90 20.99
CA ILE A 483 14.24 25.98 21.31
C ILE A 483 12.81 25.47 21.36
N GLN A 484 12.02 26.10 22.21
CA GLN A 484 10.63 25.73 22.37
C GLN A 484 9.76 26.65 21.54
N VAL A 485 8.88 26.07 20.72
CA VAL A 485 7.99 26.86 19.90
C VAL A 485 6.93 27.46 20.81
N PRO A 486 6.83 28.80 20.85
CA PRO A 486 5.85 29.48 21.70
C PRO A 486 4.43 28.93 21.56
N GLN A 487 3.79 28.66 22.69
CA GLN A 487 2.42 28.12 22.68
C GLN A 487 1.45 29.27 22.45
N ASP A 488 1.84 30.46 22.89
CA ASP A 488 1.01 31.65 22.73
C ASP A 488 1.03 32.08 21.26
N ASP A 489 -0.15 32.08 20.64
CA ASP A 489 -0.27 32.45 19.23
C ASP A 489 0.49 33.73 18.86
N ASP A 490 0.25 34.81 19.59
CA ASP A 490 0.92 36.08 19.32
C ASP A 490 2.44 35.97 19.45
N ALA A 491 2.89 35.22 20.46
CA ALA A 491 4.32 35.04 20.67
C ALA A 491 4.90 34.24 19.50
N ARG A 492 4.19 33.21 19.07
CA ARG A 492 4.63 32.37 17.97
C ARG A 492 4.64 33.16 16.66
N THR A 493 3.63 34.00 16.46
CA THR A 493 3.53 34.81 15.26
C THR A 493 4.74 35.74 15.15
N ASP A 494 5.14 36.32 16.28
CA ASP A 494 6.28 37.22 16.29
C ASP A 494 7.58 36.49 15.98
N ALA A 495 7.69 35.25 16.45
CA ALA A 495 8.88 34.44 16.20
C ALA A 495 8.93 34.08 14.72
N VAL A 496 7.78 33.73 14.16
CA VAL A 496 7.69 33.37 12.76
C VAL A 496 8.03 34.56 11.87
N ASP A 497 7.47 35.73 12.19
CA ASP A 497 7.74 36.92 11.39
C ASP A 497 9.22 37.26 11.38
N SER A 498 9.88 37.04 12.51
CA SER A 498 11.32 37.33 12.59
C SER A 498 12.09 36.40 11.66
N VAL A 499 11.79 35.12 11.72
CA VAL A 499 12.47 34.13 10.89
C VAL A 499 12.19 34.36 9.40
N VAL A 500 10.93 34.62 9.06
CA VAL A 500 10.57 34.87 7.67
C VAL A 500 11.42 36.02 7.14
N ARG A 501 11.44 37.11 7.88
CA ARG A 501 12.21 38.29 7.52
C ARG A 501 13.70 38.02 7.38
N ASP A 502 14.25 37.21 8.28
CA ASP A 502 15.67 36.92 8.22
C ASP A 502 16.14 35.83 7.26
N ILE A 503 15.35 34.78 7.06
CA ILE A 503 15.83 33.71 6.19
C ILE A 503 14.95 33.19 5.06
N GLN A 504 13.65 33.52 5.06
CA GLN A 504 12.81 33.01 4.00
C GLN A 504 13.32 33.41 2.62
N ASN A 505 13.40 32.43 1.73
CA ASN A 505 13.88 32.63 0.37
C ASN A 505 15.33 33.09 0.32
N THR A 506 16.17 32.48 1.15
CA THR A 506 17.59 32.80 1.20
C THR A 506 18.40 31.53 1.41
N GLN A 507 19.67 31.59 1.06
CA GLN A 507 20.57 30.46 1.23
C GLN A 507 21.21 30.54 2.62
N CYS A 508 21.15 29.45 3.37
CA CYS A 508 21.72 29.37 4.72
C CYS A 508 22.58 28.12 4.84
N LEU A 509 23.15 27.94 6.03
CA LEU A 509 23.96 26.77 6.32
C LEU A 509 23.14 25.99 7.34
N LEU A 510 23.02 24.69 7.15
CA LEU A 510 22.22 23.87 8.06
C LEU A 510 22.98 22.67 8.61
N ASN A 511 22.76 22.40 9.89
CA ASN A 511 23.39 21.26 10.55
C ASN A 511 22.33 20.46 11.30
N VAL A 512 22.22 19.17 10.98
CA VAL A 512 21.24 18.32 11.63
C VAL A 512 21.74 17.96 13.04
N GLU A 513 20.98 18.35 14.04
CA GLU A 513 21.37 18.08 15.42
C GLU A 513 20.86 16.72 15.90
N HIS A 514 19.58 16.45 15.70
CA HIS A 514 18.99 15.19 16.13
C HIS A 514 17.59 15.02 15.56
N LEU A 515 17.06 13.80 15.66
CA LEU A 515 15.73 13.52 15.15
C LEU A 515 14.73 13.71 16.29
N SER A 516 13.44 13.68 15.95
CA SER A 516 12.38 13.82 16.94
C SER A 516 11.24 12.92 16.52
N ALA A 517 10.14 12.98 17.27
CA ALA A 517 8.97 12.17 16.94
C ALA A 517 8.41 12.69 15.62
N GLY A 518 8.76 13.93 15.31
CA GLY A 518 8.31 14.54 14.08
C GLY A 518 9.46 14.71 13.11
N CYS A 519 9.75 15.94 12.71
CA CYS A 519 10.84 16.20 11.77
C CYS A 519 12.17 16.41 12.51
N PRO A 520 13.29 16.37 11.78
CA PRO A 520 14.59 16.57 12.42
C PRO A 520 14.78 17.99 12.95
N HIS A 521 15.54 18.13 14.02
CA HIS A 521 15.81 19.44 14.59
C HIS A 521 17.20 19.84 14.13
N VAL A 522 17.34 21.08 13.69
CA VAL A 522 18.63 21.55 13.18
C VAL A 522 18.97 22.94 13.69
N THR A 523 20.19 23.35 13.41
CA THR A 523 20.63 24.69 13.74
C THR A 523 20.96 25.30 12.39
N LEU A 524 20.61 26.58 12.22
CA LEU A 524 20.87 27.29 10.98
C LEU A 524 21.85 28.43 11.23
N GLN A 525 22.68 28.70 10.24
CA GLN A 525 23.66 29.78 10.32
C GLN A 525 23.50 30.65 9.08
N PHE A 526 23.66 31.96 9.25
CA PHE A 526 23.57 32.86 8.12
C PHE A 526 24.80 32.58 7.26
N ALA A 527 24.61 32.61 5.95
CA ALA A 527 25.71 32.34 5.02
C ALA A 527 26.94 33.21 5.27
N ASP A 528 26.71 34.49 5.56
CA ASP A 528 27.80 35.44 5.79
C ASP A 528 28.35 35.41 7.21
N SER A 529 27.65 36.10 8.12
CA SER A 529 28.05 36.18 9.50
C SER A 529 28.19 34.82 10.18
N LYS A 530 27.45 33.84 9.67
CA LYS A 530 27.46 32.50 10.23
C LYS A 530 26.90 32.49 11.65
N GLY A 531 26.02 33.45 11.92
CA GLY A 531 25.40 33.53 13.23
C GLY A 531 24.28 32.52 13.35
N ASP A 532 24.15 31.93 14.53
CA ASP A 532 23.12 30.93 14.80
C ASP A 532 21.74 31.58 14.81
N VAL A 533 20.94 31.27 13.80
CA VAL A 533 19.60 31.84 13.67
C VAL A 533 18.69 31.57 14.88
N GLY A 534 18.61 30.31 15.29
CA GLY A 534 17.79 29.96 16.42
C GLY A 534 18.24 30.64 17.70
N LEU A 535 19.55 30.67 17.93
CA LEU A 535 20.11 31.31 19.12
C LEU A 535 19.71 32.78 19.15
N GLY A 536 19.62 33.38 17.96
CA GLY A 536 19.24 34.77 17.85
C GLY A 536 17.83 35.00 18.33
N LEU A 537 16.95 34.04 18.09
CA LEU A 537 15.56 34.17 18.55
C LEU A 537 15.56 34.15 20.07
N VAL A 538 16.52 33.42 20.65
CA VAL A 538 16.65 33.34 22.09
C VAL A 538 17.18 34.66 22.65
N LYS A 539 18.16 35.23 21.95
CA LYS A 539 18.75 36.50 22.35
C LYS A 539 17.69 37.59 22.42
N GLU A 540 16.84 37.66 21.40
CA GLU A 540 15.78 38.67 21.33
C GLU A 540 14.61 38.37 22.25
N GLY A 541 14.68 37.26 22.98
CA GLY A 541 13.61 36.90 23.88
C GLY A 541 12.32 36.50 23.20
N LEU A 542 12.42 36.09 21.93
CA LEU A 542 11.25 35.68 21.17
C LEU A 542 10.85 34.24 21.45
N VAL A 543 11.81 33.44 21.90
CA VAL A 543 11.54 32.04 22.22
C VAL A 543 12.38 31.59 23.41
N MET A 544 11.91 30.55 24.10
CA MET A 544 12.62 30.00 25.24
C MET A 544 13.39 28.75 24.83
N VAL A 545 14.38 28.37 25.65
CA VAL A 545 15.19 27.20 25.35
C VAL A 545 14.53 25.88 25.74
N GLU A 546 14.79 24.85 24.94
CA GLU A 546 14.26 23.52 25.20
C GLU A 546 15.50 22.66 25.42
N VAL A 547 15.77 22.34 26.68
CA VAL A 547 16.95 21.58 27.07
C VAL A 547 16.97 20.10 26.68
N ARG A 548 18.12 19.65 26.19
CA ARG A 548 18.34 18.24 25.82
C ARG A 548 19.27 17.67 26.89
N LYS A 549 19.06 16.40 27.24
CA LYS A 549 19.87 15.72 28.26
C LYS A 549 21.11 15.01 27.71
N GLU A 550 21.10 14.71 26.42
CA GLU A 550 22.22 14.00 25.79
C GLU A 550 23.56 14.73 25.92
N LYS A 551 24.61 13.97 26.21
CA LYS A 551 25.94 14.54 26.40
C LYS A 551 26.51 15.36 25.24
N GLN A 552 26.17 15.00 24.01
CA GLN A 552 26.68 15.74 22.85
C GLN A 552 26.26 17.20 22.88
N PHE A 553 25.17 17.50 23.56
CA PHE A 553 24.65 18.87 23.61
C PHE A 553 25.01 19.65 24.88
N GLN A 554 25.92 19.09 25.67
CA GLN A 554 26.32 19.72 26.92
C GLN A 554 26.71 21.19 26.76
N LYS A 555 27.63 21.45 25.83
CA LYS A 555 28.10 22.81 25.59
C LYS A 555 27.05 23.74 25.00
N VAL A 556 26.41 23.30 23.93
CA VAL A 556 25.42 24.13 23.27
C VAL A 556 24.23 24.49 24.16
N ILE A 557 23.83 23.58 25.06
CA ILE A 557 22.71 23.87 25.95
C ILE A 557 23.10 25.00 26.91
N THR A 558 24.35 25.02 27.37
CA THR A 558 24.80 26.08 28.26
C THR A 558 24.87 27.39 27.49
N GLU A 559 25.28 27.33 26.23
CA GLU A 559 25.35 28.53 25.41
C GLU A 559 23.96 29.12 25.23
N TYR A 560 22.98 28.26 24.98
CA TYR A 560 21.61 28.69 24.80
C TYR A 560 20.99 29.22 26.10
N LEU A 561 21.21 28.50 27.19
CA LEU A 561 20.67 28.91 28.48
C LEU A 561 21.27 30.26 28.90
N ASN A 562 22.52 30.51 28.54
CA ASN A 562 23.15 31.79 28.86
C ASN A 562 22.45 32.90 28.11
N ALA A 563 22.18 32.67 26.83
CA ALA A 563 21.51 33.65 25.99
C ALA A 563 20.14 33.96 26.57
N GLN A 564 19.44 32.92 27.01
CA GLN A 564 18.11 33.08 27.59
C GLN A 564 18.17 33.95 28.84
N GLU A 565 19.22 33.77 29.64
CA GLU A 565 19.41 34.54 30.87
C GLU A 565 19.61 36.02 30.57
N SER A 566 20.47 36.30 29.60
CA SER A 566 20.77 37.68 29.22
C SER A 566 19.65 38.31 28.39
N ALA A 567 18.49 37.68 28.37
CA ALA A 567 17.36 38.20 27.62
C ALA A 567 16.25 38.67 28.56
C1 CIT B . -2.25 -0.01 -3.73
O1 CIT B . -3.35 0.46 -3.91
O2 CIT B . -1.60 -0.63 -4.73
C2 CIT B . -1.59 0.11 -2.36
C3 CIT B . -0.55 1.26 -2.33
O7 CIT B . -1.16 2.46 -2.85
C4 CIT B . -0.04 1.50 -0.89
C5 CIT B . -1.11 2.05 0.03
O3 CIT B . -1.16 3.25 0.24
O4 CIT B . -1.98 1.23 0.62
C6 CIT B . 0.64 0.90 -3.20
O5 CIT B . 0.96 1.60 -4.14
O6 CIT B . 1.35 -0.21 -2.93
C1 CIT C . 8.02 -32.32 -4.29
O1 CIT C . 7.27 -31.66 -4.99
O2 CIT C . 8.85 -33.20 -4.86
C2 CIT C . 8.02 -32.16 -2.77
C3 CIT C . 6.92 -31.21 -2.21
O7 CIT C . 5.64 -31.55 -2.77
C4 CIT C . 6.84 -31.30 -0.67
C5 CIT C . 6.47 -32.68 -0.19
O3 CIT C . 5.31 -32.99 -0.07
O4 CIT C . 7.45 -33.55 0.10
C6 CIT C . 7.27 -29.77 -2.54
O5 CIT C . 6.51 -29.09 -3.20
O6 CIT C . 8.42 -29.25 -2.10
C1 CIT D . -11.06 -35.99 10.20
O1 CIT D . -11.29 -35.14 11.04
O2 CIT D . -12.04 -36.81 9.79
C2 CIT D . -9.66 -36.12 9.60
C3 CIT D . -8.62 -36.68 10.62
O7 CIT D . -9.16 -37.83 11.28
C4 CIT D . -7.33 -37.05 9.84
C5 CIT D . -6.34 -37.78 10.73
O3 CIT D . -5.48 -37.17 11.32
O4 CIT D . -6.41 -39.11 10.85
C6 CIT D . -8.29 -35.59 11.64
O5 CIT D . -8.46 -35.80 12.82
O6 CIT D . -7.82 -34.39 11.25
C1 CIT E . -2.68 0.02 11.49
O1 CIT E . -2.56 0.69 10.48
O2 CIT E . -3.72 -0.80 11.62
C2 CIT E . -1.64 0.12 12.59
C3 CIT E . -1.86 1.34 13.51
O7 CIT E . -2.12 2.51 12.71
C4 CIT E . -3.05 1.09 14.46
C5 CIT E . -3.25 2.20 15.48
O3 CIT E . -3.14 3.37 15.15
O4 CIT E . -3.54 1.90 16.75
C6 CIT E . -0.56 1.53 14.30
O5 CIT E . 0.22 2.41 14.01
O6 CIT E . -0.27 0.71 15.32
#